data_8X5P
#
_entry.id   8X5P
#
_cell.length_a   73.373
_cell.length_b   42.344
_cell.length_c   169.294
_cell.angle_alpha   90.00
_cell.angle_beta   98.22
_cell.angle_gamma   90.00
#
_symmetry.space_group_name_H-M   'C 1 2 1'
#
loop_
_entity.id
_entity.type
_entity.pdbx_description
1 polymer 'Spike protein S2,EK1 peptide'
2 non-polymer 'CHLORIDE ION'
3 water water
#
_entity_poly.entity_id   1
_entity_poly.type   'polypeptide(L)'
_entity_poly.pdbx_seq_one_letter_code
;GITQQVLAENQKLIANKFNQALGAMQTGFTTSNLAFSKVQDAVNANANALSKLASELSNTFGAISSSISSGGRGGSLDQI
NVTFLDLEYEMKKLEEAIKKLEESYIDLKEL
;
_entity_poly.pdbx_strand_id   A,B,C,D,E,F
#
# COMPACT_ATOMS: atom_id res chain seq x y z
N ILE A 2 0.77 28.81 -18.66
CA ILE A 2 2.09 29.31 -19.05
C ILE A 2 3.03 28.12 -19.08
N THR A 3 4.23 28.27 -19.65
CA THR A 3 5.21 27.20 -19.54
C THR A 3 5.49 26.88 -18.08
N GLN A 4 5.41 27.88 -17.20
CA GLN A 4 5.56 27.64 -15.77
C GLN A 4 4.40 26.80 -15.24
N GLN A 5 3.19 27.01 -15.77
CA GLN A 5 2.06 26.16 -15.41
C GLN A 5 2.26 24.73 -15.89
N VAL A 6 2.85 24.56 -17.09
CA VAL A 6 3.21 23.22 -17.54
C VAL A 6 4.25 22.61 -16.61
N LEU A 7 5.20 23.42 -16.14
CA LEU A 7 6.18 22.93 -15.18
C LEU A 7 5.50 22.44 -13.91
N ALA A 8 4.56 23.23 -13.39
CA ALA A 8 3.84 22.82 -12.18
C ALA A 8 3.04 21.55 -12.42
N GLU A 9 2.34 21.47 -13.55
CA GLU A 9 1.55 20.27 -13.86
C GLU A 9 2.43 19.03 -13.96
N ASN A 10 3.55 19.14 -14.67
CA ASN A 10 4.44 18.00 -14.82
C ASN A 10 5.05 17.61 -13.49
N GLN A 11 5.32 18.59 -12.62
CA GLN A 11 5.86 18.30 -11.30
C GLN A 11 4.84 17.55 -10.46
N LYS A 12 3.58 17.99 -10.49
CA LYS A 12 2.52 17.25 -9.80
C LYS A 12 2.37 15.84 -10.35
N LEU A 13 2.48 15.70 -11.68
CA LEU A 13 2.41 14.37 -12.28
C LEU A 13 3.54 13.48 -11.78
N ILE A 14 4.76 14.03 -11.67
CA ILE A 14 5.90 13.26 -11.18
C ILE A 14 5.63 12.78 -9.76
N ALA A 15 5.15 13.70 -8.91
CA ALA A 15 4.85 13.31 -7.53
C ALA A 15 3.78 12.21 -7.48
N ASN A 16 2.71 12.37 -8.28
CA ASN A 16 1.64 11.38 -8.31
C ASN A 16 2.16 9.99 -8.71
N LYS A 17 2.92 9.94 -9.81
CA LYS A 17 3.43 8.67 -10.29
C LYS A 17 4.37 8.03 -9.26
N PHE A 18 5.25 8.84 -8.65
CA PHE A 18 6.19 8.30 -7.68
C PHE A 18 5.47 7.73 -6.46
N ASN A 19 4.42 8.41 -6.00
CA ASN A 19 3.68 7.91 -4.83
C ASN A 19 2.96 6.61 -5.15
N GLN A 20 2.36 6.52 -6.34
CA GLN A 20 1.73 5.27 -6.76
C GLN A 20 2.76 4.15 -6.84
N ALA A 21 3.94 4.44 -7.38
CA ALA A 21 4.99 3.43 -7.46
C ALA A 21 5.45 3.00 -6.07
N LEU A 22 5.50 3.94 -5.12
CA LEU A 22 5.82 3.58 -3.74
C LEU A 22 4.81 2.58 -3.20
N GLY A 23 3.53 2.81 -3.46
CA GLY A 23 2.52 1.84 -3.05
C GLY A 23 2.81 0.46 -3.62
N ALA A 24 3.14 0.40 -4.91
CA ALA A 24 3.43 -0.88 -5.55
C ALA A 24 4.63 -1.58 -4.90
N MET A 25 5.68 -0.81 -4.59
CA MET A 25 6.88 -1.41 -3.99
C MET A 25 6.58 -1.95 -2.59
N GLN A 26 5.81 -1.19 -1.81
CA GLN A 26 5.39 -1.66 -0.50
C GLN A 26 4.64 -2.98 -0.60
N THR A 27 3.72 -3.08 -1.57
CA THR A 27 3.01 -4.34 -1.77
C THR A 27 3.98 -5.46 -2.10
N GLY A 28 4.91 -5.22 -3.03
CA GLY A 28 5.84 -6.25 -3.42
C GLY A 28 6.68 -6.77 -2.26
N PHE A 29 7.20 -5.86 -1.45
CA PHE A 29 8.08 -6.27 -0.35
C PHE A 29 7.29 -6.93 0.78
N THR A 30 6.08 -6.44 1.07
CA THR A 30 5.24 -7.10 2.06
C THR A 30 4.91 -8.53 1.64
N THR A 31 4.58 -8.73 0.36
CA THR A 31 4.27 -10.06 -0.11
C THR A 31 5.50 -10.96 -0.10
N SER A 32 6.66 -10.41 -0.47
CA SER A 32 7.90 -11.18 -0.39
C SER A 32 8.17 -11.61 1.05
N ASN A 33 7.90 -10.73 2.02
CA ASN A 33 8.12 -11.09 3.42
C ASN A 33 7.18 -12.21 3.87
N LEU A 34 5.89 -12.12 3.50
CA LEU A 34 4.98 -13.21 3.86
C LEU A 34 5.43 -14.53 3.24
N ALA A 35 5.85 -14.50 1.97
CA ALA A 35 6.33 -15.72 1.33
C ALA A 35 7.58 -16.26 2.02
N PHE A 36 8.50 -15.38 2.44
CA PHE A 36 9.69 -15.84 3.13
C PHE A 36 9.35 -16.46 4.48
N SER A 37 8.38 -15.88 5.20
CA SER A 37 7.91 -16.50 6.42
C SER A 37 7.40 -17.91 6.17
N LYS A 38 6.58 -18.06 5.12
CA LYS A 38 6.04 -19.38 4.80
C LYS A 38 7.15 -20.35 4.42
N VAL A 39 8.15 -19.88 3.65
CA VAL A 39 9.24 -20.76 3.21
C VAL A 39 10.05 -21.23 4.42
N GLN A 40 10.40 -20.30 5.31
CA GLN A 40 11.16 -20.67 6.51
C GLN A 40 10.40 -21.71 7.32
N ASP A 41 9.11 -21.45 7.59
CA ASP A 41 8.34 -22.39 8.41
C ASP A 41 8.24 -23.76 7.76
N ALA A 42 7.98 -23.81 6.45
CA ALA A 42 7.81 -25.09 5.78
C ALA A 42 9.10 -25.90 5.80
N VAL A 43 10.23 -25.26 5.45
CA VAL A 43 11.51 -25.98 5.44
C VAL A 43 11.83 -26.48 6.84
N ASN A 44 11.58 -25.66 7.87
CA ASN A 44 11.93 -26.10 9.21
C ASN A 44 11.02 -27.24 9.68
N ALA A 45 9.74 -27.20 9.33
CA ALA A 45 8.85 -28.30 9.67
C ALA A 45 9.28 -29.60 8.99
N ASN A 46 9.63 -29.53 7.71
CA ASN A 46 10.06 -30.73 7.00
C ASN A 46 11.43 -31.21 7.46
N ALA A 47 12.30 -30.30 7.89
CA ALA A 47 13.57 -30.71 8.49
C ALA A 47 13.33 -31.46 9.80
N ASN A 48 12.40 -30.96 10.61
CA ASN A 48 12.08 -31.64 11.86
C ASN A 48 11.47 -33.01 11.58
N ALA A 49 10.60 -33.10 10.57
CA ALA A 49 10.03 -34.40 10.20
C ALA A 49 11.11 -35.38 9.76
N LEU A 50 12.05 -34.92 8.92
CA LEU A 50 13.12 -35.79 8.46
C LEU A 50 14.00 -36.23 9.62
N SER A 51 14.31 -35.31 10.55
CA SER A 51 15.12 -35.65 11.71
C SER A 51 14.41 -36.68 12.58
N LYS A 52 13.10 -36.48 12.81
CA LYS A 52 12.34 -37.42 13.62
C LYS A 52 12.34 -38.81 12.97
N LEU A 53 12.10 -38.85 11.66
CA LEU A 53 12.06 -40.14 10.98
C LEU A 53 13.41 -40.84 11.03
N ALA A 54 14.50 -40.11 10.79
CA ALA A 54 15.82 -40.72 10.85
C ALA A 54 16.16 -41.17 12.27
N SER A 55 15.68 -40.44 13.29
CA SER A 55 15.90 -40.85 14.67
C SER A 55 15.14 -42.13 14.99
N GLU A 56 13.94 -42.30 14.42
CA GLU A 56 13.14 -43.49 14.64
C GLU A 56 13.96 -44.75 14.36
N LEU A 57 14.49 -44.84 13.15
CA LEU A 57 15.19 -46.04 12.70
C LEU A 57 16.51 -46.24 13.44
N GLN A 79 23.59 -41.64 10.54
CA GLN A 79 23.81 -40.29 11.03
C GLN A 79 23.36 -39.25 9.99
N ILE A 80 22.18 -38.68 10.20
CA ILE A 80 21.62 -37.67 9.31
C ILE A 80 21.34 -36.42 10.14
N ASN A 81 21.96 -35.31 9.76
CA ASN A 81 21.73 -34.03 10.40
C ASN A 81 20.97 -33.13 9.44
N VAL A 82 19.94 -32.48 9.94
CA VAL A 82 19.10 -31.63 9.14
C VAL A 82 19.52 -30.18 9.36
N THR A 83 19.22 -29.34 8.39
CA THR A 83 19.55 -27.91 8.42
C THR A 83 18.27 -27.12 8.62
N PHE A 84 18.32 -26.14 9.53
CA PHE A 84 17.19 -25.29 9.85
C PHE A 84 17.39 -23.89 9.29
N LEU A 85 16.30 -23.20 9.05
CA LEU A 85 16.41 -21.95 8.31
C LEU A 85 16.10 -20.85 9.32
N ASP A 86 16.86 -19.75 9.29
CA ASP A 86 16.55 -18.60 10.13
C ASP A 86 16.52 -17.33 9.29
N LEU A 87 15.32 -16.79 9.07
CA LEU A 87 15.13 -15.61 8.23
C LEU A 87 14.68 -14.37 9.01
N GLU A 88 14.85 -14.35 10.33
CA GLU A 88 14.29 -13.27 11.14
C GLU A 88 14.94 -11.93 10.81
N TYR A 89 16.27 -11.91 10.68
CA TYR A 89 16.98 -10.68 10.36
C TYR A 89 16.56 -10.14 9.01
N GLU A 90 16.40 -11.03 8.02
CA GLU A 90 16.02 -10.59 6.69
C GLU A 90 14.61 -10.01 6.66
N MET A 91 13.67 -10.66 7.35
CA MET A 91 12.30 -10.14 7.37
C MET A 91 12.22 -8.83 8.13
N LYS A 92 13.02 -8.67 9.18
CA LYS A 92 13.11 -7.38 9.86
C LYS A 92 13.64 -6.30 8.91
N LYS A 93 14.66 -6.62 8.12
CA LYS A 93 15.20 -5.64 7.18
C LYS A 93 14.18 -5.27 6.12
N LEU A 94 13.41 -6.25 5.64
CA LEU A 94 12.36 -5.96 4.67
C LEU A 94 11.30 -5.05 5.28
N GLU A 95 10.96 -5.26 6.56
CA GLU A 95 10.00 -4.39 7.22
C GLU A 95 10.53 -2.97 7.35
N GLU A 96 11.82 -2.84 7.66
CA GLU A 96 12.41 -1.50 7.75
C GLU A 96 12.38 -0.80 6.39
N ALA A 97 12.69 -1.53 5.32
CA ALA A 97 12.63 -0.94 3.99
C ALA A 97 11.21 -0.51 3.64
N ILE A 98 10.21 -1.31 3.99
CA ILE A 98 8.83 -0.92 3.74
C ILE A 98 8.49 0.34 4.52
N LYS A 99 8.97 0.45 5.75
CA LYS A 99 8.72 1.66 6.54
C LYS A 99 9.33 2.90 5.87
N LYS A 100 10.57 2.77 5.38
CA LYS A 100 11.21 3.89 4.67
C LYS A 100 10.40 4.28 3.43
N LEU A 101 9.92 3.28 2.69
CA LEU A 101 9.06 3.55 1.55
C LEU A 101 7.81 4.32 1.97
N GLU A 102 7.21 3.94 3.10
CA GLU A 102 6.06 4.68 3.63
C GLU A 102 6.43 6.13 3.92
N GLU A 103 7.61 6.35 4.48
CA GLU A 103 8.01 7.69 4.86
C GLU A 103 8.48 8.53 3.68
N SER A 104 8.62 7.95 2.50
CA SER A 104 9.14 8.68 1.35
C SER A 104 8.03 9.28 0.48
N TYR A 105 6.83 9.44 1.00
CA TYR A 105 5.80 10.07 0.19
C TYR A 105 6.05 11.58 0.11
N ILE A 106 5.45 12.20 -0.92
CA ILE A 106 5.78 13.55 -1.42
C ILE A 106 4.54 14.44 -1.36
N ASP A 107 4.63 15.55 -0.66
CA ASP A 107 3.59 16.52 -0.70
C ASP A 107 4.18 17.78 -1.32
N LEU A 108 3.89 18.04 -2.59
CA LEU A 108 4.40 19.25 -3.23
C LEU A 108 3.69 20.43 -2.59
N LYS A 109 4.46 21.47 -2.28
CA LYS A 109 3.90 22.73 -1.82
C LYS A 109 3.45 23.53 -3.05
N ILE B 2 6.58 33.78 -6.56
CA ILE B 2 7.26 32.93 -5.59
C ILE B 2 7.17 31.50 -6.11
N THR B 3 6.13 31.27 -6.93
CA THR B 3 5.92 30.01 -7.62
C THR B 3 7.22 29.48 -8.21
N GLN B 4 8.13 30.37 -8.63
CA GLN B 4 9.42 29.99 -9.18
C GLN B 4 10.29 29.32 -8.12
N GLN B 5 10.56 30.03 -7.03
CA GLN B 5 11.39 29.46 -5.98
C GLN B 5 10.70 28.28 -5.31
N VAL B 6 9.36 28.34 -5.20
CA VAL B 6 8.60 27.23 -4.64
C VAL B 6 8.71 26.01 -5.54
N LEU B 7 8.67 26.22 -6.85
CA LEU B 7 8.85 25.14 -7.81
C LEU B 7 10.23 24.52 -7.67
N ALA B 8 11.25 25.36 -7.49
CA ALA B 8 12.59 24.83 -7.27
C ALA B 8 12.63 24.00 -5.98
N GLU B 9 11.99 24.50 -4.92
CA GLU B 9 11.95 23.76 -3.66
C GLU B 9 11.30 22.40 -3.86
N ASN B 10 10.16 22.37 -4.55
CA ASN B 10 9.45 21.12 -4.76
C ASN B 10 10.27 20.15 -5.60
N GLN B 11 11.03 20.67 -6.56
CA GLN B 11 11.90 19.80 -7.36
C GLN B 11 13.00 19.17 -6.50
N LYS B 12 13.63 19.97 -5.64
CA LYS B 12 14.63 19.39 -4.75
C LYS B 12 14.01 18.36 -3.82
N LEU B 13 12.79 18.63 -3.34
CA LEU B 13 12.11 17.68 -2.46
C LEU B 13 11.85 16.35 -3.18
N ILE B 14 11.41 16.42 -4.45
CA ILE B 14 11.18 15.21 -5.22
C ILE B 14 12.47 14.42 -5.36
N ALA B 15 13.57 15.10 -5.70
CA ALA B 15 14.85 14.41 -5.83
C ALA B 15 15.25 13.74 -4.51
N ASN B 16 15.12 14.46 -3.40
CA ASN B 16 15.48 13.92 -2.08
C ASN B 16 14.67 12.66 -1.76
N LYS B 17 13.35 12.74 -1.93
CA LYS B 17 12.49 11.59 -1.63
C LYS B 17 12.83 10.41 -2.53
N PHE B 18 13.08 10.67 -3.82
CA PHE B 18 13.40 9.60 -4.75
C PHE B 18 14.69 8.89 -4.36
N ASN B 19 15.70 9.65 -3.94
CA ASN B 19 16.97 9.04 -3.54
C ASN B 19 16.81 8.20 -2.26
N GLN B 20 16.04 8.71 -1.29
CA GLN B 20 15.77 7.92 -0.09
C GLN B 20 15.05 6.61 -0.45
N ALA B 21 14.07 6.70 -1.34
CA ALA B 21 13.36 5.49 -1.75
C ALA B 21 14.30 4.51 -2.45
N LEU B 22 15.26 5.03 -3.24
CA LEU B 22 16.27 4.16 -3.84
C LEU B 22 17.04 3.40 -2.78
N GLY B 23 17.45 4.08 -1.72
CA GLY B 23 18.10 3.39 -0.62
C GLY B 23 17.25 2.26 -0.07
N ALA B 24 15.97 2.55 0.17
CA ALA B 24 15.07 1.53 0.72
C ALA B 24 14.96 0.32 -0.21
N MET B 25 14.84 0.56 -1.52
CA MET B 25 14.70 -0.56 -2.46
C MET B 25 15.97 -1.38 -2.51
N GLN B 26 17.13 -0.72 -2.52
CA GLN B 26 18.39 -1.45 -2.49
C GLN B 26 18.47 -2.34 -1.27
N THR B 27 18.08 -1.81 -0.10
CA THR B 27 18.08 -2.62 1.12
C THR B 27 17.16 -3.83 0.98
N GLY B 28 15.94 -3.61 0.48
CA GLY B 28 15.00 -4.71 0.33
C GLY B 28 15.49 -5.80 -0.60
N PHE B 29 16.04 -5.41 -1.75
CA PHE B 29 16.46 -6.41 -2.73
C PHE B 29 17.73 -7.13 -2.27
N THR B 30 18.67 -6.42 -1.64
CA THR B 30 19.84 -7.08 -1.07
C THR B 30 19.46 -8.09 0.00
N THR B 31 18.52 -7.72 0.87
CA THR B 31 18.06 -8.64 1.90
C THR B 31 17.33 -9.84 1.30
N SER B 32 16.50 -9.60 0.28
CA SER B 32 15.84 -10.71 -0.41
C SER B 32 16.86 -11.66 -1.02
N ASN B 33 17.96 -11.11 -1.56
CA ASN B 33 18.98 -11.97 -2.14
C ASN B 33 19.67 -12.81 -1.08
N LEU B 34 19.98 -12.20 0.06
CA LEU B 34 20.59 -12.99 1.14
C LEU B 34 19.65 -14.11 1.58
N ALA B 35 18.37 -13.79 1.73
CA ALA B 35 17.40 -14.81 2.14
C ALA B 35 17.28 -15.92 1.11
N PHE B 36 17.31 -15.59 -0.19
CA PHE B 36 17.23 -16.62 -1.23
C PHE B 36 18.46 -17.51 -1.21
N SER B 37 19.64 -16.93 -1.00
CA SER B 37 20.85 -17.72 -0.85
C SER B 37 20.69 -18.73 0.29
N LYS B 38 20.22 -18.26 1.45
CA LYS B 38 20.04 -19.15 2.60
C LYS B 38 19.00 -20.23 2.32
N VAL B 39 17.90 -19.87 1.64
CA VAL B 39 16.84 -20.83 1.35
C VAL B 39 17.36 -21.93 0.42
N GLN B 40 18.05 -21.53 -0.64
CA GLN B 40 18.64 -22.50 -1.56
C GLN B 40 19.58 -23.44 -0.84
N ASP B 41 20.49 -22.89 -0.04
CA ASP B 41 21.47 -23.74 0.65
C ASP B 41 20.78 -24.73 1.57
N ALA B 42 19.79 -24.26 2.33
CA ALA B 42 19.13 -25.16 3.27
C ALA B 42 18.35 -26.25 2.55
N VAL B 43 17.59 -25.88 1.51
CA VAL B 43 16.81 -26.88 0.79
C VAL B 43 17.73 -27.94 0.20
N ASN B 44 18.88 -27.51 -0.34
CA ASN B 44 19.78 -28.47 -0.96
C ASN B 44 20.45 -29.35 0.10
N ALA B 45 20.78 -28.79 1.26
CA ALA B 45 21.34 -29.59 2.34
C ALA B 45 20.36 -30.66 2.80
N ASN B 46 19.09 -30.27 2.98
CA ASN B 46 18.09 -31.26 3.40
C ASN B 46 17.77 -32.26 2.30
N ALA B 47 17.86 -31.84 1.04
CA ALA B 47 17.70 -32.80 -0.06
C ALA B 47 18.83 -33.82 -0.04
N ASN B 48 20.06 -33.37 0.21
CA ASN B 48 21.18 -34.31 0.31
C ASN B 48 21.01 -35.23 1.51
N ALA B 49 20.54 -34.71 2.64
CA ALA B 49 20.28 -35.54 3.80
C ALA B 49 19.24 -36.62 3.50
N LEU B 50 18.13 -36.23 2.85
CA LEU B 50 17.10 -37.20 2.52
C LEU B 50 17.61 -38.26 1.55
N SER B 51 18.40 -37.83 0.54
CA SER B 51 18.96 -38.79 -0.40
C SER B 51 19.92 -39.74 0.31
N LYS B 52 20.70 -39.22 1.25
CA LYS B 52 21.60 -40.06 2.03
C LYS B 52 20.83 -41.09 2.82
N LEU B 53 19.72 -40.68 3.45
CA LEU B 53 18.93 -41.62 4.23
C LEU B 53 18.36 -42.72 3.35
N ALA B 54 17.78 -42.35 2.21
CA ALA B 54 17.18 -43.36 1.34
C ALA B 54 18.22 -44.31 0.75
N SER B 55 19.40 -43.78 0.38
CA SER B 55 20.45 -44.65 -0.15
C SER B 55 21.00 -45.56 0.94
N GLU B 56 21.24 -45.00 2.13
CA GLU B 56 21.71 -45.77 3.27
C GLU B 56 20.75 -46.90 3.61
N LEU B 57 19.46 -46.64 3.44
CA LEU B 57 18.45 -47.63 3.82
C LEU B 57 18.29 -48.71 2.77
N SER B 58 18.18 -48.33 1.50
CA SER B 58 17.97 -49.35 0.47
C SER B 58 19.17 -50.27 0.30
N ASN B 59 20.33 -49.93 0.87
CA ASN B 59 21.49 -50.82 0.83
C ASN B 59 21.77 -51.46 2.19
N THR B 60 20.85 -51.35 3.14
CA THR B 60 20.99 -52.00 4.44
C THR B 60 19.93 -53.08 4.60
N LEU B 77 11.07 -49.26 -0.61
CA LEU B 77 12.03 -50.15 -1.25
C LEU B 77 12.53 -49.54 -2.56
N ASP B 78 11.71 -48.69 -3.15
CA ASP B 78 12.06 -48.01 -4.40
C ASP B 78 12.85 -46.73 -4.12
N GLN B 79 13.57 -46.28 -5.15
CA GLN B 79 14.34 -45.05 -4.99
C GLN B 79 13.42 -43.84 -5.05
N ILE B 80 13.60 -42.94 -4.10
CA ILE B 80 12.96 -41.63 -4.10
C ILE B 80 13.98 -40.63 -4.64
N ASN B 81 13.55 -39.81 -5.59
CA ASN B 81 14.44 -38.82 -6.17
C ASN B 81 14.18 -37.48 -5.50
N VAL B 82 15.25 -36.80 -5.12
CA VAL B 82 15.19 -35.53 -4.42
C VAL B 82 15.38 -34.44 -5.44
N THR B 83 14.88 -33.25 -5.14
CA THR B 83 14.98 -32.12 -6.05
C THR B 83 15.97 -31.10 -5.47
N PHE B 84 16.84 -30.59 -6.33
CA PHE B 84 17.83 -29.60 -5.94
C PHE B 84 17.43 -28.24 -6.49
N LEU B 85 17.83 -27.20 -5.78
CA LEU B 85 17.43 -25.84 -6.08
C LEU B 85 18.63 -25.07 -6.60
N ASP B 86 18.44 -24.35 -7.69
CA ASP B 86 19.49 -23.49 -8.26
C ASP B 86 18.90 -22.12 -8.49
N LEU B 87 19.27 -21.16 -7.65
CA LEU B 87 18.77 -19.80 -7.74
C LEU B 87 19.84 -18.81 -8.19
N GLU B 88 20.96 -19.31 -8.75
CA GLU B 88 22.10 -18.45 -9.02
C GLU B 88 21.78 -17.38 -10.06
N TYR B 89 21.09 -17.76 -11.14
CA TYR B 89 20.72 -16.78 -12.16
C TYR B 89 19.81 -15.71 -11.56
N GLU B 90 18.89 -16.11 -10.69
CA GLU B 90 17.97 -15.17 -10.07
C GLU B 90 18.71 -14.18 -9.17
N MET B 91 19.67 -14.67 -8.37
CA MET B 91 20.44 -13.75 -7.53
C MET B 91 21.32 -12.82 -8.35
N LYS B 92 21.83 -13.30 -9.49
CA LYS B 92 22.55 -12.41 -10.39
C LYS B 92 21.62 -11.30 -10.91
N LYS B 93 20.39 -11.66 -11.26
CA LYS B 93 19.45 -10.64 -11.74
C LYS B 93 19.11 -9.65 -10.64
N LEU B 94 18.96 -10.13 -9.40
CA LEU B 94 18.73 -9.21 -8.29
C LEU B 94 19.90 -8.26 -8.11
N GLU B 95 21.12 -8.77 -8.25
CA GLU B 95 22.31 -7.91 -8.15
C GLU B 95 22.32 -6.87 -9.26
N GLU B 96 21.91 -7.26 -10.47
CA GLU B 96 21.85 -6.30 -11.56
C GLU B 96 20.83 -5.20 -11.28
N ALA B 97 19.66 -5.60 -10.76
CA ALA B 97 18.65 -4.60 -10.43
C ALA B 97 19.15 -3.65 -9.33
N ILE B 98 19.84 -4.20 -8.33
CA ILE B 98 20.41 -3.34 -7.28
C ILE B 98 21.42 -2.36 -7.86
N LYS B 99 22.26 -2.83 -8.80
CA LYS B 99 23.23 -1.92 -9.41
C LYS B 99 22.54 -0.82 -10.20
N LYS B 100 21.48 -1.16 -10.93
CA LYS B 100 20.76 -0.13 -11.69
C LYS B 100 20.11 0.89 -10.75
N LEU B 101 19.50 0.40 -9.67
CA LEU B 101 18.97 1.30 -8.64
C LEU B 101 20.08 2.21 -8.10
N GLU B 102 21.27 1.66 -7.88
CA GLU B 102 22.40 2.47 -7.42
C GLU B 102 22.75 3.57 -8.42
N GLU B 103 22.71 3.24 -9.71
CA GLU B 103 23.07 4.22 -10.72
C GLU B 103 21.96 5.21 -11.02
N SER B 104 20.75 5.02 -10.47
CA SER B 104 19.62 5.88 -10.80
C SER B 104 19.42 7.03 -9.82
N TYR B 105 20.48 7.53 -9.18
CA TYR B 105 20.32 8.67 -8.28
C TYR B 105 20.21 9.97 -9.06
N ILE B 106 19.58 10.96 -8.45
CA ILE B 106 19.28 12.24 -9.10
C ILE B 106 20.19 13.31 -8.51
N ASP B 107 21.02 13.92 -9.36
CA ASP B 107 21.84 15.08 -9.02
C ASP B 107 21.32 16.28 -9.78
N LEU B 108 20.51 17.10 -9.13
CA LEU B 108 19.96 18.30 -9.76
C LEU B 108 21.05 19.36 -9.97
N LYS B 109 20.73 20.35 -10.79
CA LYS B 109 21.67 21.36 -11.24
C LYS B 109 21.51 22.71 -10.55
N GLU B 110 20.63 22.82 -9.56
CA GLU B 110 20.47 24.10 -8.86
C GLU B 110 21.60 24.34 -7.87
N ILE C 2 18.96 31.33 -16.68
CA ILE C 2 17.95 30.59 -17.43
C ILE C 2 17.28 29.56 -16.50
N THR C 3 16.97 30.05 -15.30
CA THR C 3 16.60 29.15 -14.20
C THR C 3 15.48 28.23 -14.63
N GLN C 4 14.54 28.77 -15.41
CA GLN C 4 13.38 28.00 -15.87
C GLN C 4 13.80 26.90 -16.84
N GLN C 5 14.70 27.22 -17.77
CA GLN C 5 15.19 26.17 -18.67
C GLN C 5 15.95 25.10 -17.88
N VAL C 6 16.68 25.53 -16.85
CA VAL C 6 17.34 24.57 -15.96
C VAL C 6 16.31 23.74 -15.20
N LEU C 7 15.22 24.38 -14.78
CA LEU C 7 14.15 23.68 -14.07
C LEU C 7 13.53 22.60 -14.96
N ALA C 8 13.27 22.96 -16.22
CA ALA C 8 12.75 21.98 -17.18
C ALA C 8 13.76 20.86 -17.41
N GLU C 9 15.04 21.22 -17.52
CA GLU C 9 16.10 20.21 -17.70
C GLU C 9 16.09 19.22 -16.55
N ASN C 10 16.04 19.75 -15.32
CA ASN C 10 16.06 18.91 -14.13
C ASN C 10 14.79 18.06 -14.04
N GLN C 11 13.66 18.60 -14.48
CA GLN C 11 12.42 17.84 -14.46
C GLN C 11 12.50 16.65 -15.40
N LYS C 12 13.02 16.88 -16.61
CA LYS C 12 13.23 15.76 -17.52
C LYS C 12 14.20 14.75 -16.93
N LEU C 13 15.24 15.23 -16.24
CA LEU C 13 16.19 14.32 -15.61
C LEU C 13 15.52 13.46 -14.54
N ILE C 14 14.67 14.08 -13.72
CA ILE C 14 13.96 13.35 -12.68
C ILE C 14 13.08 12.27 -13.30
N ALA C 15 12.32 12.63 -14.33
CA ALA C 15 11.46 11.65 -14.99
C ALA C 15 12.28 10.50 -15.58
N ASN C 16 13.39 10.83 -16.25
CA ASN C 16 14.24 9.80 -16.86
C ASN C 16 14.76 8.83 -15.81
N LYS C 17 15.31 9.37 -14.71
CA LYS C 17 15.85 8.52 -13.67
C LYS C 17 14.77 7.66 -13.03
N PHE C 18 13.59 8.25 -12.77
CA PHE C 18 12.52 7.49 -12.13
C PHE C 18 12.07 6.34 -13.02
N ASN C 19 11.97 6.57 -14.33
CA ASN C 19 11.57 5.49 -15.22
C ASN C 19 12.63 4.38 -15.27
N GLN C 20 13.91 4.75 -15.32
CA GLN C 20 14.97 3.74 -15.29
C GLN C 20 14.88 2.90 -14.01
N ALA C 21 14.64 3.56 -12.89
CA ALA C 21 14.50 2.83 -11.64
C ALA C 21 13.28 1.91 -11.67
N LEU C 22 12.20 2.35 -12.33
CA LEU C 22 11.04 1.46 -12.49
C LEU C 22 11.43 0.18 -13.21
N GLY C 23 12.23 0.31 -14.28
CA GLY C 23 12.72 -0.87 -14.96
C GLY C 23 13.48 -1.80 -14.03
N ALA C 24 14.37 -1.24 -13.21
CA ALA C 24 15.12 -2.06 -12.27
C ALA C 24 14.21 -2.79 -11.27
N MET C 25 13.20 -2.08 -10.76
CA MET C 25 12.31 -2.71 -9.77
C MET C 25 11.50 -3.84 -10.40
N GLN C 26 11.01 -3.61 -11.62
CA GLN C 26 10.30 -4.66 -12.32
C GLN C 26 11.17 -5.89 -12.49
N THR C 27 12.44 -5.70 -12.87
CA THR C 27 13.35 -6.83 -13.00
C THR C 27 13.50 -7.58 -11.68
N GLY C 28 13.73 -6.83 -10.60
CA GLY C 28 13.90 -7.47 -9.29
C GLY C 28 12.70 -8.28 -8.86
N PHE C 29 11.49 -7.72 -9.01
CA PHE C 29 10.30 -8.44 -8.54
C PHE C 29 9.96 -9.62 -9.45
N THR C 30 10.14 -9.49 -10.77
CA THR C 30 9.92 -10.62 -11.66
C THR C 30 10.86 -11.77 -11.32
N THR C 31 12.13 -11.46 -11.09
CA THR C 31 13.09 -12.51 -10.76
C THR C 31 12.80 -13.12 -9.39
N SER C 32 12.41 -12.30 -8.40
CA SER C 32 12.00 -12.85 -7.11
C SER C 32 10.81 -13.78 -7.25
N ASN C 33 9.86 -13.45 -8.13
CA ASN C 33 8.73 -14.34 -8.31
C ASN C 33 9.14 -15.66 -8.94
N LEU C 34 10.02 -15.62 -9.94
CA LEU C 34 10.51 -16.87 -10.51
C LEU C 34 11.21 -17.72 -9.46
N ALA C 35 12.02 -17.08 -8.61
CA ALA C 35 12.71 -17.81 -7.54
C ALA C 35 11.73 -18.42 -6.55
N PHE C 36 10.66 -17.69 -6.20
CA PHE C 36 9.65 -18.24 -5.29
C PHE C 36 8.92 -19.42 -5.93
N SER C 37 8.66 -19.34 -7.23
CA SER C 37 8.08 -20.49 -7.95
C SER C 37 8.97 -21.71 -7.78
N LYS C 38 10.27 -21.55 -8.05
CA LYS C 38 11.19 -22.68 -7.96
C LYS C 38 11.31 -23.19 -6.53
N VAL C 39 11.33 -22.28 -5.55
CA VAL C 39 11.45 -22.70 -4.15
C VAL C 39 10.23 -23.51 -3.72
N GLN C 40 9.04 -23.01 -4.03
CA GLN C 40 7.82 -23.74 -3.71
C GLN C 40 7.84 -25.12 -4.34
N ASP C 41 8.14 -25.20 -5.64
CA ASP C 41 8.12 -26.48 -6.33
C ASP C 41 9.13 -27.45 -5.72
N ALA C 42 10.34 -26.97 -5.41
CA ALA C 42 11.36 -27.85 -4.85
C ALA C 42 10.96 -28.35 -3.47
N VAL C 43 10.49 -27.44 -2.60
CA VAL C 43 10.09 -27.85 -1.26
C VAL C 43 8.98 -28.89 -1.34
N ASN C 44 8.02 -28.68 -2.24
CA ASN C 44 6.89 -29.61 -2.33
C ASN C 44 7.32 -30.95 -2.92
N ALA C 45 8.23 -30.93 -3.90
CA ALA C 45 8.73 -32.18 -4.46
C ALA C 45 9.47 -33.01 -3.40
N ASN C 46 10.33 -32.34 -2.62
CA ASN C 46 11.05 -33.06 -1.57
C ASN C 46 10.12 -33.47 -0.44
N ALA C 47 9.05 -32.70 -0.21
CA ALA C 47 8.06 -33.10 0.78
C ALA C 47 7.36 -34.37 0.35
N ASN C 48 7.01 -34.46 -0.93
CA ASN C 48 6.41 -35.67 -1.46
C ASN C 48 7.37 -36.85 -1.37
N ALA C 49 8.66 -36.62 -1.66
CA ALA C 49 9.65 -37.67 -1.54
C ALA C 49 9.76 -38.19 -0.11
N LEU C 50 9.81 -37.27 0.87
CA LEU C 50 9.91 -37.70 2.26
C LEU C 50 8.66 -38.45 2.71
N SER C 51 7.48 -37.98 2.29
CA SER C 51 6.26 -38.68 2.64
C SER C 51 6.23 -40.08 2.04
N LYS C 52 6.70 -40.20 0.80
CA LYS C 52 6.76 -41.51 0.15
C LYS C 52 7.70 -42.45 0.88
N LEU C 53 8.88 -41.95 1.26
CA LEU C 53 9.84 -42.80 1.97
C LEU C 53 9.27 -43.26 3.30
N ALA C 54 8.68 -42.34 4.06
CA ALA C 54 8.11 -42.71 5.36
C ALA C 54 6.92 -43.65 5.19
N SER C 55 6.15 -43.51 4.11
CA SER C 55 5.02 -44.41 3.87
C SER C 55 5.51 -45.82 3.55
N GLU C 56 6.47 -45.94 2.63
CA GLU C 56 7.00 -47.26 2.28
C GLU C 56 7.70 -47.92 3.46
N LEU C 57 8.41 -47.15 4.28
CA LEU C 57 9.15 -47.72 5.40
C LEU C 57 8.25 -48.08 6.58
N SER C 58 7.05 -48.57 6.30
CA SER C 58 6.07 -48.92 7.31
C SER C 58 4.94 -49.69 6.64
N ASN C 59 5.06 -49.88 5.33
CA ASN C 59 4.06 -50.56 4.54
C ASN C 59 4.06 -52.05 4.79
N ILE C 80 4.97 -39.52 10.68
CA ILE C 80 5.45 -38.15 10.55
C ILE C 80 4.53 -37.39 9.61
N ASN C 81 4.29 -36.12 9.89
CA ASN C 81 3.46 -35.30 9.04
C ASN C 81 4.36 -34.36 8.25
N VAL C 82 4.10 -34.26 6.96
CA VAL C 82 4.92 -33.45 6.07
C VAL C 82 4.18 -32.15 5.80
N THR C 83 4.92 -31.09 5.53
CA THR C 83 4.35 -29.78 5.28
C THR C 83 4.54 -29.38 3.82
N PHE C 84 3.48 -28.87 3.21
CA PHE C 84 3.51 -28.39 1.84
C PHE C 84 3.41 -26.88 1.78
N LEU C 85 4.00 -26.30 0.73
CA LEU C 85 4.10 -24.85 0.58
C LEU C 85 3.19 -24.39 -0.55
N ASP C 86 2.42 -23.33 -0.29
CA ASP C 86 1.55 -22.72 -1.30
C ASP C 86 1.85 -21.23 -1.35
N LEU C 87 2.51 -20.77 -2.40
CA LEU C 87 2.87 -19.37 -2.54
C LEU C 87 2.08 -18.66 -3.63
N GLU C 88 0.98 -19.25 -4.09
CA GLU C 88 0.27 -18.73 -5.28
C GLU C 88 -0.30 -17.33 -5.05
N TYR C 89 -0.91 -17.09 -3.89
CA TYR C 89 -1.46 -15.78 -3.60
C TYR C 89 -0.35 -14.73 -3.58
N GLU C 90 0.81 -15.08 -3.00
CA GLU C 90 1.92 -14.14 -2.93
C GLU C 90 2.45 -13.81 -4.32
N MET C 91 2.57 -14.82 -5.19
CA MET C 91 3.07 -14.58 -6.54
C MET C 91 2.08 -13.76 -7.37
N LYS C 92 0.78 -14.04 -7.25
CA LYS C 92 -0.22 -13.19 -7.88
C LYS C 92 -0.06 -11.75 -7.44
N LYS C 93 0.22 -11.55 -6.14
CA LYS C 93 0.37 -10.20 -5.61
C LYS C 93 1.60 -9.51 -6.16
N LEU C 94 2.69 -10.26 -6.29
CA LEU C 94 3.90 -9.71 -6.89
C LEU C 94 3.65 -9.31 -8.34
N GLU C 95 2.86 -10.10 -9.06
CA GLU C 95 2.52 -9.73 -10.44
C GLU C 95 1.69 -8.45 -10.48
N GLU C 96 0.77 -8.27 -9.52
CA GLU C 96 0.02 -7.02 -9.49
C GLU C 96 0.93 -5.83 -9.23
N ALA C 97 1.88 -6.00 -8.31
CA ALA C 97 2.82 -4.91 -8.04
C ALA C 97 3.65 -4.59 -9.27
N ILE C 98 4.08 -5.62 -10.00
CA ILE C 98 4.83 -5.42 -11.23
C ILE C 98 3.99 -4.65 -12.25
N LYS C 99 2.71 -5.01 -12.39
CA LYS C 99 1.86 -4.31 -13.35
C LYS C 99 1.69 -2.83 -12.98
N LYS C 100 1.48 -2.54 -11.70
CA LYS C 100 1.35 -1.15 -11.28
C LYS C 100 2.64 -0.38 -11.55
N LEU C 101 3.79 -1.02 -11.28
CA LEU C 101 5.06 -0.41 -11.64
C LEU C 101 5.13 -0.10 -13.13
N GLU C 102 4.65 -1.01 -13.98
CA GLU C 102 4.59 -0.72 -15.42
C GLU C 102 3.71 0.49 -15.69
N GLU C 103 2.60 0.62 -14.98
CA GLU C 103 1.69 1.72 -15.23
C GLU C 103 2.14 3.04 -14.63
N SER C 104 3.22 3.05 -13.85
CA SER C 104 3.65 4.27 -13.18
C SER C 104 4.67 5.09 -13.97
N TYR C 105 4.81 4.86 -15.27
CA TYR C 105 5.78 5.60 -16.07
C TYR C 105 5.33 7.05 -16.26
N ILE C 106 6.32 7.93 -16.46
CA ILE C 106 6.09 9.37 -16.50
C ILE C 106 6.32 9.86 -17.92
N ASP C 107 5.29 10.42 -18.52
CA ASP C 107 5.38 11.10 -19.81
C ASP C 107 5.16 12.59 -19.59
N LEU C 108 6.24 13.35 -19.46
CA LEU C 108 6.12 14.79 -19.28
C LEU C 108 5.65 15.46 -20.56
N LYS C 109 4.91 16.55 -20.40
CA LYS C 109 4.53 17.38 -21.53
C LYS C 109 5.56 18.48 -21.76
N GLY D 1 -8.72 52.61 -5.33
CA GLY D 1 -9.21 53.03 -4.03
C GLY D 1 -8.84 52.02 -2.97
N ILE D 2 -9.27 52.30 -1.73
CA ILE D 2 -8.98 51.37 -0.63
C ILE D 2 -9.73 50.05 -0.83
N THR D 3 -11.00 50.14 -1.26
CA THR D 3 -11.80 48.92 -1.38
C THR D 3 -11.27 48.01 -2.46
N GLN D 4 -10.78 48.57 -3.56
CA GLN D 4 -10.24 47.73 -4.63
C GLN D 4 -8.99 47.00 -4.17
N GLN D 5 -8.10 47.68 -3.44
CA GLN D 5 -6.88 47.03 -2.95
C GLN D 5 -7.20 45.97 -1.91
N VAL D 6 -8.19 46.23 -1.05
CA VAL D 6 -8.60 45.23 -0.08
C VAL D 6 -9.19 44.01 -0.78
N LEU D 7 -9.97 44.23 -1.85
CA LEU D 7 -10.51 43.12 -2.62
C LEU D 7 -9.40 42.28 -3.24
N ALA D 8 -8.38 42.94 -3.82
CA ALA D 8 -7.27 42.19 -4.40
C ALA D 8 -6.52 41.39 -3.35
N GLU D 9 -6.24 42.01 -2.19
CA GLU D 9 -5.53 41.31 -1.12
C GLU D 9 -6.33 40.10 -0.62
N ASN D 10 -7.64 40.29 -0.41
CA ASN D 10 -8.48 39.19 0.04
C ASN D 10 -8.56 38.08 -1.00
N GLN D 11 -8.56 38.45 -2.29
CA GLN D 11 -8.60 37.47 -3.35
C GLN D 11 -7.33 36.62 -3.37
N LYS D 12 -6.17 37.27 -3.22
CA LYS D 12 -4.93 36.51 -3.15
C LYS D 12 -4.94 35.58 -1.94
N LEU D 13 -5.43 36.05 -0.80
CA LEU D 13 -5.52 35.20 0.38
C LEU D 13 -6.42 33.99 0.13
N ILE D 14 -7.56 34.21 -0.52
CA ILE D 14 -8.48 33.11 -0.83
C ILE D 14 -7.81 32.07 -1.71
N ALA D 15 -7.12 32.53 -2.77
CA ALA D 15 -6.44 31.60 -3.66
C ALA D 15 -5.40 30.79 -2.92
N ASN D 16 -4.59 31.46 -2.10
CA ASN D 16 -3.55 30.76 -1.34
C ASN D 16 -4.15 29.70 -0.43
N LYS D 17 -5.18 30.07 0.34
CA LYS D 17 -5.80 29.13 1.27
C LYS D 17 -6.41 27.94 0.53
N PHE D 18 -7.09 28.21 -0.59
CA PHE D 18 -7.69 27.12 -1.34
C PHE D 18 -6.64 26.16 -1.88
N ASN D 19 -5.52 26.70 -2.38
CA ASN D 19 -4.48 25.83 -2.92
C ASN D 19 -3.83 24.99 -1.81
N GLN D 20 -3.61 25.60 -0.65
CA GLN D 20 -3.08 24.85 0.49
C GLN D 20 -4.05 23.72 0.89
N ALA D 21 -5.35 24.02 0.92
CA ALA D 21 -6.33 22.99 1.25
C ALA D 21 -6.38 21.88 0.20
N LEU D 22 -6.20 22.23 -1.08
CA LEU D 22 -6.12 21.24 -2.14
C LEU D 22 -4.97 20.27 -1.87
N GLY D 23 -3.81 20.82 -1.51
CA GLY D 23 -2.69 19.96 -1.14
C GLY D 23 -3.04 19.02 0.00
N ALA D 24 -3.69 19.57 1.05
CA ALA D 24 -4.06 18.74 2.20
C ALA D 24 -4.98 17.60 1.79
N MET D 25 -5.95 17.90 0.92
CA MET D 25 -6.90 16.88 0.48
C MET D 25 -6.23 15.80 -0.35
N GLN D 26 -5.33 16.21 -1.26
CA GLN D 26 -4.57 15.22 -2.03
C GLN D 26 -3.81 14.29 -1.10
N THR D 27 -3.19 14.84 -0.05
CA THR D 27 -2.48 14.03 0.93
C THR D 27 -3.44 13.04 1.59
N GLY D 28 -4.57 13.54 2.08
CA GLY D 28 -5.52 12.68 2.78
C GLY D 28 -5.99 11.53 1.91
N PHE D 29 -6.31 11.81 0.66
CA PHE D 29 -6.83 10.75 -0.20
C PHE D 29 -5.72 9.80 -0.64
N THR D 30 -4.50 10.29 -0.88
CA THR D 30 -3.40 9.39 -1.21
C THR D 30 -3.14 8.42 -0.06
N THR D 31 -3.13 8.95 1.17
CA THR D 31 -2.90 8.09 2.33
C THR D 31 -4.05 7.12 2.52
N SER D 32 -5.29 7.58 2.33
CA SER D 32 -6.44 6.68 2.41
C SER D 32 -6.35 5.56 1.39
N ASN D 33 -5.87 5.88 0.18
CA ASN D 33 -5.74 4.84 -0.83
C ASN D 33 -4.69 3.81 -0.43
N LEU D 34 -3.56 4.28 0.08
CA LEU D 34 -2.54 3.34 0.55
C LEU D 34 -3.08 2.45 1.67
N ALA D 35 -3.83 3.04 2.60
CA ALA D 35 -4.40 2.28 3.70
C ALA D 35 -5.38 1.23 3.18
N PHE D 36 -6.19 1.59 2.18
CA PHE D 36 -7.12 0.63 1.60
C PHE D 36 -6.38 -0.51 0.89
N SER D 37 -5.29 -0.19 0.20
CA SER D 37 -4.46 -1.23 -0.39
C SER D 37 -4.01 -2.22 0.67
N LYS D 38 -3.43 -1.71 1.75
CA LYS D 38 -2.93 -2.58 2.82
C LYS D 38 -4.06 -3.37 3.48
N VAL D 39 -5.23 -2.73 3.67
CA VAL D 39 -6.35 -3.41 4.33
C VAL D 39 -6.90 -4.54 3.47
N GLN D 40 -7.19 -4.25 2.19
CA GLN D 40 -7.64 -5.29 1.28
C GLN D 40 -6.65 -6.42 1.30
N ASP D 41 -5.38 -6.05 1.39
CA ASP D 41 -4.31 -6.96 1.13
C ASP D 41 -4.12 -7.94 2.33
N ALA D 42 -4.14 -7.41 3.58
CA ALA D 42 -4.11 -8.27 4.76
C ALA D 42 -5.37 -9.11 4.85
N VAL D 43 -6.53 -8.49 4.58
CA VAL D 43 -7.79 -9.23 4.67
C VAL D 43 -7.78 -10.42 3.70
N ASN D 44 -7.29 -10.21 2.48
CA ASN D 44 -7.29 -11.31 1.53
C ASN D 44 -6.30 -12.38 1.93
N ALA D 45 -5.14 -11.98 2.46
CA ALA D 45 -4.20 -12.99 2.91
C ALA D 45 -4.77 -13.83 4.06
N ASN D 46 -5.39 -13.19 5.05
CA ASN D 46 -5.90 -13.94 6.20
C ASN D 46 -7.15 -14.75 5.86
N ALA D 47 -8.01 -14.25 4.96
CA ALA D 47 -9.16 -15.03 4.50
C ALA D 47 -8.70 -16.24 3.70
N ASN D 48 -7.70 -16.06 2.85
CA ASN D 48 -7.18 -17.14 2.03
C ASN D 48 -6.52 -18.22 2.89
N ALA D 49 -5.78 -17.79 3.93
CA ALA D 49 -5.25 -18.69 4.93
C ALA D 49 -6.37 -19.43 5.65
N LEU D 50 -7.43 -18.71 6.01
CA LEU D 50 -8.58 -19.32 6.68
C LEU D 50 -9.23 -20.37 5.79
N SER D 51 -9.27 -20.13 4.48
CA SER D 51 -9.81 -21.11 3.55
C SER D 51 -8.97 -22.38 3.56
N LYS D 52 -7.64 -22.24 3.47
CA LYS D 52 -6.79 -23.42 3.55
C LYS D 52 -7.02 -24.19 4.85
N LEU D 53 -7.04 -23.46 5.97
CA LEU D 53 -7.23 -24.12 7.26
C LEU D 53 -8.57 -24.84 7.31
N ALA D 54 -9.64 -24.16 6.90
CA ALA D 54 -10.98 -24.74 6.95
C ALA D 54 -11.08 -25.95 6.05
N SER D 55 -10.34 -25.96 4.93
CA SER D 55 -10.33 -27.17 4.13
C SER D 55 -9.67 -28.31 4.89
N GLU D 56 -8.53 -28.04 5.53
CA GLU D 56 -7.87 -29.12 6.28
C GLU D 56 -8.75 -29.64 7.41
N LEU D 57 -9.44 -28.74 8.13
CA LEU D 57 -10.24 -29.18 9.27
C LEU D 57 -11.39 -30.08 8.89
N SER D 58 -11.66 -30.29 7.61
CA SER D 58 -12.65 -31.26 7.17
C SER D 58 -12.43 -32.61 7.85
N SER D 76 -20.33 -34.42 12.29
CA SER D 76 -21.06 -33.23 11.84
C SER D 76 -20.13 -32.05 11.64
N LEU D 77 -20.24 -31.41 10.48
CA LEU D 77 -19.48 -30.21 10.19
C LEU D 77 -20.40 -29.12 9.67
N ASP D 78 -19.92 -27.89 9.72
CA ASP D 78 -20.65 -26.76 9.15
C ASP D 78 -19.87 -26.20 7.98
N GLN D 79 -20.58 -25.92 6.88
CA GLN D 79 -19.95 -25.37 5.70
C GLN D 79 -19.41 -23.98 5.99
N ILE D 80 -18.10 -23.80 5.82
CA ILE D 80 -17.44 -22.53 6.10
C ILE D 80 -16.81 -22.04 4.80
N ASN D 81 -17.30 -20.91 4.29
CA ASN D 81 -16.75 -20.27 3.09
C ASN D 81 -16.24 -18.87 3.42
N VAL D 82 -15.09 -18.52 2.86
CA VAL D 82 -14.46 -17.25 3.15
C VAL D 82 -14.81 -16.24 2.07
N THR D 83 -14.70 -14.96 2.41
CA THR D 83 -15.00 -13.84 1.53
C THR D 83 -13.70 -13.13 1.15
N PHE D 84 -13.57 -12.75 -0.11
CA PHE D 84 -12.42 -12.01 -0.60
C PHE D 84 -12.83 -10.58 -0.93
N LEU D 85 -11.86 -9.67 -0.84
CA LEU D 85 -12.10 -8.24 -1.03
C LEU D 85 -11.46 -7.78 -2.34
N ASP D 86 -12.22 -7.00 -3.12
CA ASP D 86 -11.71 -6.38 -4.34
C ASP D 86 -12.03 -4.89 -4.29
N LEU D 87 -11.00 -4.08 -4.01
CA LEU D 87 -11.17 -2.64 -3.87
C LEU D 87 -10.52 -1.88 -5.02
N GLU D 88 -10.18 -2.57 -6.11
CA GLU D 88 -9.39 -1.93 -7.16
C GLU D 88 -10.13 -0.78 -7.83
N TYR D 89 -11.43 -0.97 -8.12
CA TYR D 89 -12.20 0.12 -8.71
C TYR D 89 -12.28 1.31 -7.76
N GLU D 90 -12.43 1.04 -6.46
CA GLU D 90 -12.51 2.15 -5.50
C GLU D 90 -11.20 2.92 -5.45
N MET D 91 -10.07 2.21 -5.43
CA MET D 91 -8.79 2.91 -5.39
C MET D 91 -8.55 3.68 -6.69
N LYS D 92 -9.02 3.14 -7.82
CA LYS D 92 -8.93 3.86 -9.09
C LYS D 92 -9.76 5.14 -9.05
N LYS D 93 -10.96 5.07 -8.46
CA LYS D 93 -11.79 6.26 -8.33
C LYS D 93 -11.14 7.28 -7.41
N LEU D 94 -10.50 6.81 -6.34
CA LEU D 94 -9.78 7.72 -5.44
C LEU D 94 -8.65 8.41 -6.18
N GLU D 95 -7.95 7.66 -7.04
CA GLU D 95 -6.86 8.25 -7.82
C GLU D 95 -7.39 9.29 -8.80
N GLU D 96 -8.57 9.04 -9.38
CA GLU D 96 -9.19 10.02 -10.28
C GLU D 96 -9.57 11.29 -9.52
N ALA D 97 -10.13 11.14 -8.31
CA ALA D 97 -10.47 12.32 -7.51
C ALA D 97 -9.23 13.12 -7.15
N ILE D 98 -8.13 12.43 -6.81
CA ILE D 98 -6.88 13.11 -6.53
C ILE D 98 -6.41 13.87 -7.76
N LYS D 99 -6.56 13.26 -8.95
CA LYS D 99 -6.16 13.94 -10.17
C LYS D 99 -6.98 15.20 -10.39
N LYS D 100 -8.29 15.14 -10.16
CA LYS D 100 -9.15 16.31 -10.32
C LYS D 100 -8.75 17.41 -9.34
N LEU D 101 -8.48 17.03 -8.08
CA LEU D 101 -7.97 17.99 -7.10
C LEU D 101 -6.69 18.65 -7.60
N GLU D 102 -5.76 17.85 -8.15
CA GLU D 102 -4.54 18.42 -8.70
C GLU D 102 -4.85 19.42 -9.81
N GLU D 103 -5.85 19.11 -10.64
CA GLU D 103 -6.18 19.98 -11.75
C GLU D 103 -7.02 21.19 -11.35
N SER D 104 -7.44 21.31 -10.10
CA SER D 104 -8.28 22.42 -9.68
C SER D 104 -7.50 23.57 -9.04
N TYR D 105 -6.18 23.65 -9.25
CA TYR D 105 -5.41 24.73 -8.64
C TYR D 105 -5.73 26.06 -9.30
N ILE D 106 -5.72 27.11 -8.49
CA ILE D 106 -6.14 28.45 -8.90
C ILE D 106 -4.92 29.23 -9.35
N ASP D 107 -4.92 29.67 -10.61
CA ASP D 107 -3.90 30.56 -11.16
C ASP D 107 -4.54 31.93 -11.34
N LEU D 108 -4.40 32.78 -10.32
CA LEU D 108 -4.95 34.12 -10.38
C LEU D 108 -4.14 35.00 -11.32
N LYS D 109 -4.85 35.82 -12.11
CA LYS D 109 -4.17 36.89 -12.82
C LYS D 109 -3.77 37.97 -11.84
N GLU D 110 -2.50 38.37 -11.89
CA GLU D 110 -1.96 39.32 -10.92
C GLU D 110 -2.51 40.73 -11.15
N GLY E 1 -10.95 50.72 -14.81
CA GLY E 1 -11.85 49.62 -15.06
C GLY E 1 -11.13 48.31 -15.28
N ILE E 2 -9.82 48.39 -15.53
CA ILE E 2 -9.02 47.18 -15.72
C ILE E 2 -8.97 46.36 -14.43
N THR E 3 -8.65 47.00 -13.31
CA THR E 3 -8.49 46.25 -12.06
C THR E 3 -9.81 45.64 -11.61
N GLN E 4 -10.91 46.37 -11.81
CA GLN E 4 -12.21 45.84 -11.43
C GLN E 4 -12.57 44.62 -12.28
N GLN E 5 -12.32 44.70 -13.59
CA GLN E 5 -12.62 43.58 -14.47
C GLN E 5 -11.74 42.38 -14.18
N VAL E 6 -10.46 42.61 -13.84
CA VAL E 6 -9.59 41.50 -13.45
C VAL E 6 -10.10 40.85 -12.17
N LEU E 7 -10.57 41.66 -11.21
CA LEU E 7 -11.13 41.10 -9.99
C LEU E 7 -12.34 40.25 -10.30
N ALA E 8 -13.20 40.72 -11.21
CA ALA E 8 -14.38 39.96 -11.58
C ALA E 8 -14.00 38.62 -12.22
N GLU E 9 -13.05 38.66 -13.16
CA GLU E 9 -12.60 37.45 -13.84
C GLU E 9 -12.00 36.45 -12.85
N ASN E 10 -11.15 36.94 -11.94
CA ASN E 10 -10.52 36.08 -10.96
C ASN E 10 -11.54 35.48 -10.00
N GLN E 11 -12.58 36.25 -9.65
CA GLN E 11 -13.62 35.75 -8.77
C GLN E 11 -14.39 34.60 -9.43
N LYS E 12 -14.73 34.76 -10.70
CA LYS E 12 -15.38 33.65 -11.40
C LYS E 12 -14.47 32.43 -11.45
N LEU E 13 -13.17 32.65 -11.69
CA LEU E 13 -12.23 31.53 -11.71
C LEU E 13 -12.20 30.81 -10.36
N ILE E 14 -12.17 31.56 -9.27
CA ILE E 14 -12.15 30.98 -7.92
C ILE E 14 -13.39 30.13 -7.69
N ALA E 15 -14.56 30.66 -8.03
CA ALA E 15 -15.79 29.89 -7.83
C ALA E 15 -15.78 28.58 -8.64
N ASN E 16 -15.37 28.67 -9.91
CA ASN E 16 -15.32 27.48 -10.76
C ASN E 16 -14.37 26.43 -10.19
N LYS E 17 -13.16 26.85 -9.81
CA LYS E 17 -12.18 25.92 -9.27
C LYS E 17 -12.68 25.28 -7.98
N PHE E 18 -13.28 26.08 -7.10
CA PHE E 18 -13.78 25.53 -5.84
C PHE E 18 -14.88 24.52 -6.07
N ASN E 19 -15.79 24.81 -7.00
CA ASN E 19 -16.89 23.88 -7.25
C ASN E 19 -16.40 22.56 -7.87
N GLN E 20 -15.43 22.65 -8.77
CA GLN E 20 -14.83 21.43 -9.30
C GLN E 20 -14.18 20.60 -8.19
N ALA E 21 -13.47 21.28 -7.27
CA ALA E 21 -12.85 20.56 -6.16
C ALA E 21 -13.90 19.95 -5.23
N LEU E 22 -15.02 20.64 -5.02
CA LEU E 22 -16.12 20.08 -4.23
C LEU E 22 -16.62 18.78 -4.84
N GLY E 23 -16.83 18.78 -6.16
CA GLY E 23 -17.20 17.54 -6.83
C GLY E 23 -16.20 16.43 -6.56
N ALA E 24 -14.90 16.77 -6.69
CA ALA E 24 -13.87 15.75 -6.45
C ALA E 24 -13.93 15.23 -5.02
N MET E 25 -14.16 16.12 -4.05
CA MET E 25 -14.19 15.70 -2.65
C MET E 25 -15.37 14.77 -2.39
N GLN E 26 -16.56 15.11 -2.91
CA GLN E 26 -17.72 14.25 -2.77
C GLN E 26 -17.47 12.87 -3.37
N THR E 27 -16.89 12.83 -4.58
CA THR E 27 -16.58 11.53 -5.18
C THR E 27 -15.61 10.73 -4.31
N GLY E 28 -14.55 11.39 -3.83
CA GLY E 28 -13.58 10.69 -3.00
C GLY E 28 -14.20 10.09 -1.74
N PHE E 29 -15.05 10.87 -1.06
CA PHE E 29 -15.65 10.38 0.18
C PHE E 29 -16.70 9.32 -0.09
N THR E 30 -17.48 9.46 -1.18
CA THR E 30 -18.42 8.40 -1.55
C THR E 30 -17.70 7.08 -1.82
N THR E 31 -16.57 7.15 -2.53
CA THR E 31 -15.81 5.96 -2.81
C THR E 31 -15.20 5.37 -1.54
N SER E 32 -14.68 6.22 -0.65
CA SER E 32 -14.18 5.73 0.63
C SER E 32 -15.29 5.04 1.43
N ASN E 33 -16.51 5.57 1.36
CA ASN E 33 -17.63 4.96 2.06
C ASN E 33 -17.93 3.58 1.50
N LEU E 34 -17.98 3.45 0.18
CA LEU E 34 -18.22 2.15 -0.42
C LEU E 34 -17.12 1.16 -0.03
N ALA E 35 -15.87 1.61 -0.04
CA ALA E 35 -14.77 0.73 0.35
C ALA E 35 -14.90 0.30 1.81
N PHE E 36 -15.31 1.21 2.68
CA PHE E 36 -15.49 0.85 4.09
C PHE E 36 -16.63 -0.16 4.25
N SER E 37 -17.72 0.02 3.49
CA SER E 37 -18.81 -0.96 3.51
C SER E 37 -18.30 -2.35 3.15
N LYS E 38 -17.55 -2.44 2.03
CA LYS E 38 -17.04 -3.74 1.60
C LYS E 38 -16.05 -4.33 2.60
N VAL E 39 -15.21 -3.47 3.20
CA VAL E 39 -14.24 -3.95 4.19
C VAL E 39 -14.95 -4.53 5.40
N GLN E 40 -15.96 -3.81 5.90
CA GLN E 40 -16.75 -4.31 7.02
C GLN E 40 -17.39 -5.64 6.69
N ASP E 41 -18.00 -5.75 5.51
CA ASP E 41 -18.67 -6.98 5.14
C ASP E 41 -17.70 -8.16 5.10
N ALA E 42 -16.53 -7.96 4.46
CA ALA E 42 -15.57 -9.04 4.34
C ALA E 42 -15.02 -9.45 5.70
N VAL E 43 -14.63 -8.47 6.52
CA VAL E 43 -14.07 -8.78 7.84
C VAL E 43 -15.10 -9.53 8.70
N ASN E 44 -16.37 -9.10 8.66
CA ASN E 44 -17.36 -9.74 9.51
C ASN E 44 -17.70 -11.15 9.02
N ALA E 45 -17.77 -11.35 7.71
CA ALA E 45 -18.03 -12.69 7.19
C ALA E 45 -16.91 -13.64 7.57
N ASN E 46 -15.66 -13.20 7.43
CA ASN E 46 -14.53 -14.06 7.79
C ASN E 46 -14.42 -14.24 9.30
N ALA E 47 -14.86 -13.25 10.09
CA ALA E 47 -14.92 -13.43 11.54
C ALA E 47 -15.94 -14.50 11.91
N ASN E 48 -17.10 -14.51 11.25
CA ASN E 48 -18.08 -15.55 11.51
C ASN E 48 -17.54 -16.92 11.13
N ALA E 49 -16.84 -16.98 9.98
CA ALA E 49 -16.24 -18.24 9.56
C ALA E 49 -15.20 -18.73 10.57
N LEU E 50 -14.33 -17.83 11.03
CA LEU E 50 -13.30 -18.19 12.00
C LEU E 50 -13.91 -18.60 13.35
N SER E 51 -14.96 -17.92 13.77
CA SER E 51 -15.63 -18.27 15.03
C SER E 51 -16.23 -19.68 14.94
N LYS E 52 -16.93 -19.97 13.85
CA LYS E 52 -17.51 -21.30 13.69
C LYS E 52 -16.41 -22.36 13.67
N LEU E 53 -15.31 -22.08 12.98
CA LEU E 53 -14.20 -23.03 12.88
C LEU E 53 -13.56 -23.28 14.24
N ALA E 54 -13.31 -22.21 14.99
CA ALA E 54 -12.70 -22.35 16.31
C ALA E 54 -13.63 -23.08 17.26
N SER E 55 -14.94 -22.88 17.12
CA SER E 55 -15.90 -23.62 17.94
C SER E 55 -15.89 -25.10 17.58
N GLU E 56 -15.86 -25.42 16.28
CA GLU E 56 -15.83 -26.81 15.86
C GLU E 56 -14.60 -27.52 16.40
N LEU E 57 -13.41 -27.03 16.06
CA LEU E 57 -12.21 -27.75 16.48
C LEU E 57 -11.93 -27.61 17.97
N SER E 58 -12.53 -26.62 18.64
CA SER E 58 -12.43 -26.56 20.09
C SER E 58 -13.31 -27.63 20.72
N ASN E 59 -14.55 -27.72 20.29
CA ASN E 59 -15.45 -28.79 20.70
C ASN E 59 -15.14 -30.10 19.98
N THR E 60 -14.08 -30.14 19.17
CA THR E 60 -13.65 -31.33 18.44
C THR E 60 -14.78 -31.89 17.58
N SER E 76 -5.15 -29.76 25.87
CA SER E 76 -5.02 -28.38 26.30
C SER E 76 -5.25 -27.40 25.14
N LEU E 77 -6.23 -26.52 25.30
CA LEU E 77 -6.65 -25.62 24.24
C LEU E 77 -6.49 -24.17 24.70
N ASP E 78 -6.46 -23.25 23.73
CA ASP E 78 -6.40 -21.82 23.99
C ASP E 78 -7.71 -21.17 23.58
N GLN E 79 -8.20 -20.26 24.43
CA GLN E 79 -9.47 -19.59 24.19
C GLN E 79 -9.35 -18.65 23.00
N ILE E 80 -10.23 -18.84 22.01
CA ILE E 80 -10.22 -18.05 20.78
C ILE E 80 -11.55 -17.32 20.67
N ASN E 81 -11.49 -16.00 20.67
CA ASN E 81 -12.65 -15.15 20.47
C ASN E 81 -12.43 -14.25 19.27
N VAL E 82 -13.46 -14.08 18.46
CA VAL E 82 -13.36 -13.30 17.24
C VAL E 82 -13.90 -11.91 17.51
N THR E 83 -13.45 -10.95 16.70
CA THR E 83 -13.86 -9.56 16.80
C THR E 83 -14.71 -9.19 15.58
N PHE E 84 -15.80 -8.46 15.82
CA PHE E 84 -16.69 -7.98 14.77
C PHE E 84 -16.58 -6.47 14.61
N LEU E 85 -16.89 -6.00 13.40
CA LEU E 85 -16.73 -4.59 13.02
C LEU E 85 -18.09 -3.92 12.86
N ASP E 86 -18.24 -2.72 13.42
CA ASP E 86 -19.44 -1.92 13.20
C ASP E 86 -18.99 -0.52 12.79
N LEU E 87 -19.11 -0.21 11.50
CA LEU E 87 -18.71 1.07 10.96
C LEU E 87 -19.90 1.90 10.52
N GLU E 88 -21.11 1.53 10.95
CA GLU E 88 -22.30 2.19 10.45
C GLU E 88 -22.37 3.65 10.86
N TYR E 89 -22.02 3.96 12.12
CA TYR E 89 -22.00 5.35 12.54
C TYR E 89 -20.97 6.15 11.77
N GLU E 90 -19.79 5.56 11.53
CA GLU E 90 -18.76 6.27 10.77
C GLU E 90 -19.22 6.50 9.33
N MET E 91 -19.83 5.49 8.72
CA MET E 91 -20.29 5.65 7.35
C MET E 91 -21.43 6.68 7.27
N LYS E 92 -22.26 6.75 8.30
CA LYS E 92 -23.30 7.79 8.36
C LYS E 92 -22.68 9.17 8.49
N LYS E 93 -21.62 9.30 9.28
CA LYS E 93 -20.92 10.58 9.38
C LYS E 93 -20.30 10.97 8.05
N LEU E 94 -19.77 9.99 7.32
CA LEU E 94 -19.22 10.26 5.99
C LEU E 94 -20.31 10.76 5.05
N GLU E 95 -21.50 10.16 5.12
CA GLU E 95 -22.61 10.63 4.30
C GLU E 95 -22.99 12.07 4.68
N GLU E 96 -22.96 12.39 5.97
CA GLU E 96 -23.26 13.76 6.39
C GLU E 96 -22.22 14.75 5.84
N ALA E 97 -20.94 14.38 5.88
CA ALA E 97 -19.92 15.26 5.31
C ALA E 97 -20.10 15.43 3.81
N ILE E 98 -20.46 14.35 3.11
CA ILE E 98 -20.73 14.46 1.68
C ILE E 98 -21.91 15.40 1.43
N LYS E 99 -22.94 15.32 2.26
CA LYS E 99 -24.09 16.22 2.10
C LYS E 99 -23.69 17.67 2.35
N LYS E 100 -22.83 17.90 3.35
CA LYS E 100 -22.41 19.27 3.63
C LYS E 100 -21.58 19.84 2.48
N LEU E 101 -20.67 19.03 1.94
CA LEU E 101 -19.96 19.43 0.73
C LEU E 101 -20.93 19.75 -0.40
N GLU E 102 -21.97 18.94 -0.56
CA GLU E 102 -22.99 19.23 -1.57
C GLU E 102 -23.63 20.59 -1.32
N GLU E 103 -23.87 20.92 -0.06
CA GLU E 103 -24.52 22.18 0.29
C GLU E 103 -23.58 23.37 0.24
N SER E 104 -22.27 23.16 0.00
CA SER E 104 -21.31 24.26 0.00
C SER E 104 -21.04 24.84 -1.39
N TYR E 105 -21.93 24.64 -2.34
CA TYR E 105 -21.73 25.19 -3.68
C TYR E 105 -21.79 26.71 -3.67
N ILE E 106 -20.96 27.33 -4.51
CA ILE E 106 -20.86 28.79 -4.59
C ILE E 106 -21.73 29.27 -5.75
N ASP E 107 -22.73 30.10 -5.43
CA ASP E 107 -23.58 30.76 -6.43
C ASP E 107 -23.24 32.25 -6.43
N LEU E 108 -22.33 32.64 -7.32
CA LEU E 108 -21.92 34.03 -7.43
C LEU E 108 -23.00 34.89 -8.06
N LYS E 109 -23.18 36.11 -7.54
CA LYS E 109 -23.99 37.08 -8.26
C LYS E 109 -23.24 37.45 -9.54
N GLU E 110 -23.97 37.47 -10.65
CA GLU E 110 -23.33 37.63 -11.96
C GLU E 110 -22.99 39.09 -12.20
N LEU E 111 -21.72 39.35 -12.50
CA LEU E 111 -21.29 40.68 -12.92
C LEU E 111 -20.38 40.57 -14.16
N GLY F 1 -25.89 50.05 -9.26
CA GLY F 1 -25.48 48.71 -8.89
C GLY F 1 -23.99 48.58 -9.00
N ILE F 2 -23.28 49.19 -8.03
CA ILE F 2 -21.83 49.22 -8.06
C ILE F 2 -21.27 47.80 -8.16
N THR F 3 -20.39 47.60 -9.13
CA THR F 3 -19.73 46.31 -9.30
C THR F 3 -18.85 45.98 -8.10
N GLN F 4 -18.27 47.00 -7.48
CA GLN F 4 -17.38 46.78 -6.34
C GLN F 4 -18.12 46.16 -5.15
N GLN F 5 -19.36 46.59 -4.92
CA GLN F 5 -20.14 46.04 -3.81
C GLN F 5 -20.52 44.59 -4.09
N VAL F 6 -20.86 44.28 -5.34
CA VAL F 6 -21.11 42.89 -5.72
C VAL F 6 -19.84 42.06 -5.51
N LEU F 7 -18.69 42.63 -5.84
CA LEU F 7 -17.43 41.92 -5.62
C LEU F 7 -17.21 41.60 -4.15
N ALA F 8 -17.46 42.59 -3.27
CA ALA F 8 -17.28 42.35 -1.84
C ALA F 8 -18.25 41.28 -1.33
N GLU F 9 -19.52 41.37 -1.73
CA GLU F 9 -20.51 40.39 -1.31
C GLU F 9 -20.16 38.98 -1.78
N ASN F 10 -19.74 38.85 -3.05
CA ASN F 10 -19.36 37.55 -3.57
C ASN F 10 -18.10 37.01 -2.88
N GLN F 11 -17.17 37.91 -2.53
CA GLN F 11 -15.97 37.48 -1.83
C GLN F 11 -16.30 36.90 -0.47
N LYS F 12 -17.21 37.58 0.27
CA LYS F 12 -17.65 37.03 1.54
C LYS F 12 -18.36 35.69 1.36
N LEU F 13 -19.18 35.57 0.32
CA LEU F 13 -19.84 34.29 0.07
C LEU F 13 -18.82 33.18 -0.19
N ILE F 14 -17.78 33.49 -0.99
CA ILE F 14 -16.74 32.50 -1.28
C ILE F 14 -16.05 32.06 0.00
N ALA F 15 -15.67 33.01 0.85
CA ALA F 15 -14.99 32.66 2.09
C ALA F 15 -15.88 31.78 2.97
N ASN F 16 -17.15 32.16 3.12
CA ASN F 16 -18.07 31.37 3.94
C ASN F 16 -18.21 29.94 3.42
N LYS F 17 -18.45 29.80 2.11
CA LYS F 17 -18.62 28.47 1.52
C LYS F 17 -17.37 27.63 1.70
N PHE F 18 -16.19 28.23 1.47
CA PHE F 18 -14.95 27.49 1.60
C PHE F 18 -14.73 27.02 3.02
N ASN F 19 -15.02 27.88 4.01
CA ASN F 19 -14.80 27.50 5.40
C ASN F 19 -15.77 26.38 5.83
N GLN F 20 -17.03 26.47 5.39
CA GLN F 20 -17.96 25.37 5.66
C GLN F 20 -17.47 24.06 5.04
N ALA F 21 -16.96 24.13 3.81
CA ALA F 21 -16.42 22.93 3.18
C ALA F 21 -15.20 22.39 3.94
N LEU F 22 -14.36 23.28 4.46
CA LEU F 22 -13.22 22.86 5.27
C LEU F 22 -13.69 22.06 6.48
N GLY F 23 -14.72 22.56 7.16
CA GLY F 23 -15.30 21.80 8.25
C GLY F 23 -15.72 20.41 7.82
N ALA F 24 -16.42 20.34 6.67
CA ALA F 24 -16.87 19.05 6.16
C ALA F 24 -15.69 18.12 5.89
N MET F 25 -14.61 18.65 5.32
CA MET F 25 -13.46 17.83 4.98
C MET F 25 -12.78 17.29 6.24
N GLN F 26 -12.60 18.15 7.25
CA GLN F 26 -12.02 17.71 8.51
C GLN F 26 -12.86 16.60 9.13
N THR F 27 -14.19 16.77 9.11
CA THR F 27 -15.07 15.71 9.63
C THR F 27 -14.90 14.41 8.87
N GLY F 28 -14.90 14.48 7.54
CA GLY F 28 -14.76 13.27 6.73
C GLY F 28 -13.46 12.53 7.02
N PHE F 29 -12.35 13.26 7.10
CA PHE F 29 -11.08 12.58 7.32
C PHE F 29 -10.95 12.08 8.75
N THR F 30 -11.47 12.82 9.74
CA THR F 30 -11.47 12.32 11.11
C THR F 30 -12.26 11.02 11.22
N THR F 31 -13.42 10.97 10.56
CA THR F 31 -14.22 9.74 10.60
C THR F 31 -13.52 8.61 9.86
N SER F 32 -12.88 8.91 8.72
CA SER F 32 -12.11 7.88 8.03
C SER F 32 -10.98 7.35 8.91
N ASN F 33 -10.35 8.22 9.69
CA ASN F 33 -9.29 7.78 10.58
C ASN F 33 -9.82 6.85 11.66
N LEU F 34 -10.95 7.21 12.27
CA LEU F 34 -11.55 6.32 13.27
C LEU F 34 -11.90 4.98 12.66
N ALA F 35 -12.46 4.98 11.45
CA ALA F 35 -12.80 3.74 10.78
C ALA F 35 -11.56 2.90 10.52
N PHE F 36 -10.47 3.53 10.09
CA PHE F 36 -9.22 2.79 9.86
C PHE F 36 -8.68 2.20 11.15
N SER F 37 -8.75 2.95 12.25
CA SER F 37 -8.35 2.43 13.55
C SER F 37 -9.14 1.17 13.90
N LYS F 38 -10.46 1.23 13.75
CA LYS F 38 -11.30 0.08 14.08
C LYS F 38 -11.01 -1.11 13.15
N VAL F 39 -10.82 -0.84 11.87
CA VAL F 39 -10.54 -1.92 10.91
C VAL F 39 -9.23 -2.60 11.25
N GLN F 40 -8.20 -1.80 11.54
CA GLN F 40 -6.92 -2.36 11.95
C GLN F 40 -7.08 -3.24 13.17
N ASP F 41 -7.81 -2.76 14.19
CA ASP F 41 -7.97 -3.54 15.41
C ASP F 41 -8.65 -4.88 15.12
N ALA F 42 -9.73 -4.84 14.34
CA ALA F 42 -10.48 -6.07 14.05
C ALA F 42 -9.63 -7.05 13.25
N VAL F 43 -8.97 -6.55 12.20
CA VAL F 43 -8.15 -7.43 11.36
C VAL F 43 -7.03 -8.06 12.17
N ASN F 44 -6.38 -7.29 13.04
CA ASN F 44 -5.26 -7.84 13.80
C ASN F 44 -5.73 -8.82 14.87
N ALA F 45 -6.86 -8.54 15.52
CA ALA F 45 -7.40 -9.48 16.50
C ALA F 45 -7.76 -10.82 15.85
N ASN F 46 -8.41 -10.75 14.69
CA ASN F 46 -8.77 -11.99 14.01
C ASN F 46 -7.57 -12.68 13.39
N ALA F 47 -6.52 -11.93 13.01
CA ALA F 47 -5.27 -12.56 12.58
C ALA F 47 -4.61 -13.30 13.74
N ASN F 48 -4.61 -12.71 14.94
CA ASN F 48 -4.05 -13.39 16.09
C ASN F 48 -4.85 -14.66 16.42
N ALA F 49 -6.17 -14.57 16.34
CA ALA F 49 -7.01 -15.74 16.55
C ALA F 49 -6.69 -16.83 15.53
N LEU F 50 -6.59 -16.45 14.25
CA LEU F 50 -6.31 -17.41 13.19
C LEU F 50 -4.93 -18.05 13.36
N SER F 51 -3.94 -17.27 13.78
CA SER F 51 -2.61 -17.83 13.99
C SER F 51 -2.65 -18.86 15.11
N LYS F 52 -3.29 -18.53 16.23
CA LYS F 52 -3.40 -19.50 17.30
C LYS F 52 -4.12 -20.76 16.83
N LEU F 53 -5.15 -20.60 16.00
CA LEU F 53 -5.91 -21.74 15.50
C LEU F 53 -5.05 -22.62 14.61
N ALA F 54 -4.30 -22.00 13.69
CA ALA F 54 -3.42 -22.77 12.83
C ALA F 54 -2.34 -23.47 13.62
N SER F 55 -1.88 -22.86 14.73
CA SER F 55 -0.89 -23.52 15.57
C SER F 55 -1.48 -24.75 16.24
N GLU F 56 -2.69 -24.63 16.80
CA GLU F 56 -3.32 -25.79 17.42
C GLU F 56 -3.56 -26.89 16.41
N LEU F 57 -4.17 -26.54 15.27
CA LEU F 57 -4.48 -27.53 14.25
C LEU F 57 -3.21 -28.21 13.73
N SER F 58 -2.11 -27.48 13.65
CA SER F 58 -0.82 -28.05 13.26
C SER F 58 -0.13 -28.79 14.39
N ASN F 59 -0.84 -29.11 15.49
CA ASN F 59 -0.22 -29.81 16.62
C ASN F 59 -1.19 -30.82 17.24
N GLY F 75 -0.31 -38.19 5.50
CA GLY F 75 -0.01 -37.03 6.31
C GLY F 75 0.40 -35.84 5.48
N SER F 76 -0.35 -34.74 5.60
CA SER F 76 -0.08 -33.55 4.80
C SER F 76 -0.71 -32.34 5.48
N LEU F 77 0.09 -31.33 5.79
CA LEU F 77 -0.38 -30.07 6.31
C LEU F 77 0.22 -28.94 5.51
N ASP F 78 -0.55 -27.89 5.28
CA ASP F 78 -0.05 -26.72 4.57
C ASP F 78 0.45 -25.68 5.57
N GLN F 79 1.47 -24.94 5.16
CA GLN F 79 2.04 -23.90 6.00
C GLN F 79 1.14 -22.68 5.95
N ILE F 80 0.48 -22.37 7.06
CA ILE F 80 -0.44 -21.23 7.14
C ILE F 80 0.21 -20.15 8.00
N ASN F 81 0.48 -19.00 7.40
CA ASN F 81 1.01 -17.82 8.08
C ASN F 81 0.02 -16.67 7.95
N VAL F 82 -0.19 -15.95 9.03
CA VAL F 82 -1.16 -14.87 9.05
C VAL F 82 -0.44 -13.55 8.83
N THR F 83 -1.20 -12.56 8.34
CA THR F 83 -0.69 -11.23 8.05
C THR F 83 -1.26 -10.24 9.07
N PHE F 84 -0.42 -9.33 9.54
CA PHE F 84 -0.81 -8.27 10.46
C PHE F 84 -0.80 -6.93 9.73
N LEU F 85 -1.63 -6.01 10.21
CA LEU F 85 -1.84 -4.71 9.59
C LEU F 85 -1.25 -3.60 10.46
N ASP F 86 -0.48 -2.70 9.86
CA ASP F 86 0.07 -1.55 10.56
C ASP F 86 -0.22 -0.28 9.77
N LEU F 87 -1.20 0.51 10.25
CA LEU F 87 -1.63 1.74 9.58
C LEU F 87 -1.22 2.99 10.36
N GLU F 88 -0.29 2.87 11.30
CA GLU F 88 -0.01 3.99 12.20
C GLU F 88 0.51 5.20 11.45
N TYR F 89 1.44 5.00 10.50
CA TYR F 89 1.94 6.12 9.71
C TYR F 89 0.83 6.75 8.88
N GLU F 90 -0.05 5.91 8.31
CA GLU F 90 -1.15 6.44 7.50
C GLU F 90 -2.10 7.28 8.34
N MET F 91 -2.45 6.81 9.54
CA MET F 91 -3.33 7.59 10.39
C MET F 91 -2.66 8.88 10.85
N LYS F 92 -1.34 8.84 11.06
CA LYS F 92 -0.63 10.06 11.40
C LYS F 92 -0.65 11.07 10.26
N LYS F 93 -0.47 10.60 9.02
CA LYS F 93 -0.57 11.47 7.86
C LYS F 93 -1.97 12.05 7.72
N LEU F 94 -2.99 11.23 8.02
CA LEU F 94 -4.37 11.73 7.97
C LEU F 94 -4.58 12.85 8.98
N GLU F 95 -4.06 12.68 10.19
CA GLU F 95 -4.16 13.74 11.19
C GLU F 95 -3.41 14.99 10.73
N GLU F 96 -2.26 14.81 10.08
CA GLU F 96 -1.53 15.97 9.55
C GLU F 96 -2.36 16.72 8.51
N ALA F 97 -3.03 15.98 7.61
CA ALA F 97 -3.88 16.62 6.62
C ALA F 97 -5.04 17.37 7.27
N ILE F 98 -5.64 16.76 8.31
CA ILE F 98 -6.71 17.43 9.04
C ILE F 98 -6.21 18.73 9.66
N LYS F 99 -4.99 18.70 10.20
CA LYS F 99 -4.41 19.90 10.82
C LYS F 99 -4.14 20.98 9.78
N LYS F 100 -3.66 20.59 8.60
CA LYS F 100 -3.45 21.56 7.52
C LYS F 100 -4.78 22.19 7.10
N LEU F 101 -5.80 21.36 6.92
CA LEU F 101 -7.14 21.89 6.65
C LEU F 101 -7.58 22.87 7.74
N GLU F 102 -7.32 22.54 9.00
CA GLU F 102 -7.63 23.46 10.09
C GLU F 102 -6.91 24.79 9.92
N GLU F 103 -5.64 24.74 9.50
CA GLU F 103 -4.86 25.95 9.36
C GLU F 103 -5.18 26.73 8.08
N SER F 104 -6.00 26.20 7.19
CA SER F 104 -6.28 26.84 5.92
C SER F 104 -7.54 27.71 5.93
N TYR F 105 -8.05 28.09 7.10
CA TYR F 105 -9.24 28.91 7.14
C TYR F 105 -8.96 30.33 6.62
N ILE F 106 -10.00 30.99 6.14
CA ILE F 106 -9.89 32.28 5.47
C ILE F 106 -10.34 33.38 6.42
N ASP F 107 -9.41 34.29 6.73
CA ASP F 107 -9.72 35.50 7.51
C ASP F 107 -9.67 36.69 6.56
N LEU F 108 -10.83 37.03 6.01
CA LEU F 108 -10.93 38.15 5.09
C LEU F 108 -10.81 39.47 5.84
N LYS F 109 -10.05 40.40 5.27
CA LYS F 109 -9.99 41.74 5.83
C LYS F 109 -11.35 42.40 5.71
N GLU F 110 -11.87 42.87 6.85
CA GLU F 110 -13.11 43.60 7.11
C GLU F 110 -13.56 43.23 8.51
N LEU F 111 -14.71 43.77 8.95
CA LEU F 111 -15.30 43.41 10.24
C LEU F 111 -16.73 43.91 10.34
#